data_6JZC
#
_entry.id   6JZC
#
_cell.length_a   81.803
_cell.length_b   120.932
_cell.length_c   193.194
_cell.angle_alpha   90.00
_cell.angle_beta   90.00
_cell.angle_gamma   90.00
#
_symmetry.space_group_name_H-M   'C 2 2 21'
#
loop_
_entity.id
_entity.type
_entity.pdbx_description
1 polymer 'Tubulinyl-Tyr carboxypeptidase 2'
2 polymer 'Small vasohibin-binding protein'
3 non-polymer GLYCEROL
4 water water
#
loop_
_entity_poly.entity_id
_entity_poly.type
_entity_poly.pdbx_seq_one_letter_code
_entity_poly.pdbx_strand_id
1 'polypeptide(L)'
;MTGSAADTHRCPHPKITKGTRSRSSHARPVSLATSGGSEEEDKDGGVLFHVNKSGFPIDSHTWERMWLHVAKVHPRGGEM
VGAIRNAAFLAKPSIPQVPNYRLSMTIPDWLQAIQNYMKTLQYNHTGTQFFEIRKMRPLSGLMETAKEMTRESLPIKCLE
AVILGIYLTNGQPSIERFPISFKTYFSGNYFHHVVLGIYCNGYYGSLGMSRRAELMDKPLTFRTLSDLVFDFEDSYKKYL
HTVKKVKIGLYVPHEPHSFQPIEWKQLVLNVSKMLRADIRKELEKYARDMRMKILKPASAHSPTQVRSRGKSLSPRRRQA
SPPRRLGRRDKSPALTEKKVADLGTLNEVGYQIRI
;
A,B
2 'polypeptide(L)'
;MHHHHHHHHHHSGDEVDAGSGHMDPPARKEKTKVKESVSRVEKAKQKSAQQELKQRQRAEIYALNRVMTELEQQQFDEFC
KQMQPPGE
;
C,D
#
loop_
_chem_comp.id
_chem_comp.type
_chem_comp.name
_chem_comp.formula
GOL non-polymer GLYCEROL 'C3 H8 O3'
#
# COMPACT_ATOMS: atom_id res chain seq x y z
N PHE A 49 -10.38 1.20 5.90
CA PHE A 49 -9.21 2.06 5.76
C PHE A 49 -8.35 1.98 7.03
N HIS A 50 -7.45 2.94 7.21
CA HIS A 50 -6.38 2.85 8.20
C HIS A 50 -6.82 3.47 9.53
N VAL A 51 -6.54 2.79 10.64
CA VAL A 51 -6.83 3.33 11.98
C VAL A 51 -5.55 3.37 12.81
N ASN A 52 -5.22 4.57 13.31
CA ASN A 52 -4.06 4.73 14.17
C ASN A 52 -4.24 3.94 15.47
N LYS A 53 -3.33 2.98 15.70
CA LYS A 53 -3.30 2.25 16.96
C LYS A 53 -2.02 2.51 17.75
N SER A 54 -1.22 3.51 17.35
CA SER A 54 0.10 3.76 17.93
C SER A 54 0.16 4.96 18.85
N GLY A 55 -0.97 5.59 19.16
CA GLY A 55 -0.93 6.75 20.05
C GLY A 55 -0.37 7.99 19.34
N PHE A 56 0.26 8.85 20.15
CA PHE A 56 0.75 10.18 19.76
C PHE A 56 2.05 10.45 20.51
N PRO A 57 3.14 10.81 19.81
CA PRO A 57 3.22 10.95 18.35
C PRO A 57 2.95 9.64 17.59
N ILE A 58 2.36 9.79 16.39
CA ILE A 58 2.06 8.66 15.54
C ILE A 58 3.35 8.01 15.07
N ASP A 59 3.40 6.68 15.09
CA ASP A 59 4.67 6.00 14.81
C ASP A 59 4.92 5.93 13.30
N SER A 60 6.17 5.57 12.97
CA SER A 60 6.62 5.61 11.58
C SER A 60 5.73 4.74 10.69
N HIS A 61 5.40 3.53 11.14
CA HIS A 61 4.59 2.62 10.33
C HIS A 61 3.26 3.24 9.95
N THR A 62 2.51 3.75 10.95
CA THR A 62 1.23 4.39 10.69
C THR A 62 1.41 5.67 9.87
N TRP A 63 2.41 6.48 10.22
CA TRP A 63 2.61 7.74 9.54
C TRP A 63 2.93 7.54 8.05
N GLU A 64 3.86 6.61 7.73
CA GLU A 64 4.19 6.36 6.33
C GLU A 64 3.00 5.80 5.57
N ARG A 65 2.26 4.87 6.19
CA ARG A 65 1.06 4.37 5.55
C ARG A 65 0.11 5.50 5.20
N MET A 66 -0.13 6.42 6.14
CA MET A 66 -1.05 7.53 5.87
C MET A 66 -0.66 8.25 4.58
N TRP A 67 0.63 8.58 4.44
CA TRP A 67 1.07 9.35 3.28
C TRP A 67 0.98 8.53 2.00
N LEU A 68 1.08 7.20 2.11
CA LEU A 68 1.01 6.37 0.91
C LEU A 68 -0.41 6.25 0.42
N HIS A 69 -1.38 6.18 1.34
CA HIS A 69 -2.77 6.15 0.95
C HIS A 69 -3.17 7.44 0.23
N VAL A 70 -2.74 8.60 0.74
CA VAL A 70 -3.21 9.83 0.11
C VAL A 70 -2.49 10.08 -1.19
N ALA A 71 -1.22 9.67 -1.32
CA ALA A 71 -0.53 9.83 -2.60
C ALA A 71 -1.23 9.04 -3.70
N LYS A 72 -1.75 7.86 -3.34
CA LYS A 72 -2.54 7.06 -4.28
C LYS A 72 -3.85 7.75 -4.64
N VAL A 73 -4.65 8.11 -3.61
CA VAL A 73 -5.94 8.76 -3.84
C VAL A 73 -5.79 10.05 -4.63
N HIS A 74 -4.81 10.87 -4.30
CA HIS A 74 -4.78 12.20 -4.93
C HIS A 74 -4.22 12.12 -6.35
N PRO A 75 -4.85 12.79 -7.32
CA PRO A 75 -4.36 12.75 -8.71
C PRO A 75 -2.92 13.25 -8.87
N ARG A 76 -2.52 14.25 -8.10
CA ARG A 76 -1.14 14.75 -8.10
C ARG A 76 -0.43 14.32 -6.83
N GLY A 77 -0.65 13.06 -6.44
CA GLY A 77 -0.20 12.48 -5.20
C GLY A 77 1.23 12.74 -4.79
N GLY A 78 2.20 12.34 -5.63
CA GLY A 78 3.60 12.44 -5.24
C GLY A 78 4.04 13.87 -4.99
N GLU A 79 3.69 14.78 -5.89
CA GLU A 79 4.05 16.17 -5.67
C GLU A 79 3.24 16.77 -4.52
N MET A 80 2.01 16.31 -4.31
CA MET A 80 1.21 16.79 -3.18
C MET A 80 1.88 16.42 -1.86
N VAL A 81 2.15 15.13 -1.66
CA VAL A 81 2.85 14.65 -0.47
C VAL A 81 4.19 15.35 -0.32
N GLY A 82 4.94 15.49 -1.41
CA GLY A 82 6.25 16.11 -1.31
C GLY A 82 6.19 17.56 -0.88
N ALA A 83 5.14 18.27 -1.28
CA ALA A 83 5.01 19.67 -0.91
C ALA A 83 4.72 19.84 0.59
N ILE A 84 4.03 18.90 1.22
CA ILE A 84 3.69 19.03 2.64
C ILE A 84 4.78 18.47 3.54
N ARG A 85 5.25 17.24 3.26
CA ARG A 85 6.19 16.57 4.16
C ARG A 85 7.51 17.34 4.21
N ASN A 86 7.98 17.60 5.44
CA ASN A 86 9.19 18.37 5.66
C ASN A 86 9.18 19.70 4.91
N ALA A 87 7.98 20.25 4.66
CA ALA A 87 7.84 21.66 4.33
C ALA A 87 8.25 22.47 5.55
N ALA A 88 9.10 23.46 5.35
CA ALA A 88 9.65 24.20 6.48
C ALA A 88 8.69 25.21 7.09
N PHE A 89 7.69 25.69 6.34
CA PHE A 89 6.88 26.82 6.79
C PHE A 89 5.40 26.50 6.71
N LEU A 90 5.00 25.41 7.37
CA LEU A 90 3.59 25.10 7.55
C LEU A 90 2.99 25.94 8.67
N ALA A 91 1.73 26.30 8.49
CA ALA A 91 0.98 27.00 9.53
C ALA A 91 0.76 26.09 10.74
N LYS A 92 0.92 26.65 11.93
CA LYS A 92 0.53 25.93 13.14
C LYS A 92 -0.96 26.10 13.35
N PRO A 93 -1.75 25.03 13.35
CA PRO A 93 -3.20 25.21 13.49
C PRO A 93 -3.53 25.65 14.90
N SER A 94 -4.50 26.55 15.02
CA SER A 94 -5.00 26.93 16.33
C SER A 94 -5.52 25.70 17.06
N ILE A 95 -5.56 25.80 18.38
CA ILE A 95 -6.15 24.77 19.24
C ILE A 95 -7.47 25.31 19.75
N PRO A 96 -8.60 24.83 19.25
CA PRO A 96 -9.89 25.34 19.72
C PRO A 96 -10.07 25.03 21.20
N GLN A 97 -10.70 25.93 21.92
CA GLN A 97 -10.95 25.69 23.33
C GLN A 97 -12.14 24.75 23.47
N VAL A 98 -12.05 23.84 24.42
CA VAL A 98 -13.09 22.85 24.66
C VAL A 98 -14.33 23.55 25.19
N PRO A 99 -15.49 23.39 24.56
CA PRO A 99 -16.70 24.06 25.05
C PRO A 99 -17.15 23.51 26.40
N ASN A 100 -17.85 24.35 27.15
CA ASN A 100 -18.28 24.02 28.51
C ASN A 100 -19.62 24.69 28.81
N TYR A 101 -20.56 23.94 29.37
CA TYR A 101 -21.87 24.47 29.67
C TYR A 101 -21.83 25.36 30.92
N ARG A 102 -22.43 26.55 30.82
CA ARG A 102 -22.70 27.41 31.95
C ARG A 102 -24.18 27.75 31.95
N LEU A 103 -24.71 28.11 33.12
CA LEU A 103 -26.10 28.51 33.23
C LEU A 103 -26.44 29.70 32.34
N SER A 104 -25.45 30.49 31.94
CA SER A 104 -25.73 31.66 31.12
C SER A 104 -26.01 31.32 29.66
N MET A 105 -26.02 30.04 29.32
CA MET A 105 -26.14 29.57 27.94
C MET A 105 -27.48 28.87 27.75
N THR A 106 -28.14 29.10 26.62
CA THR A 106 -29.25 28.23 26.25
C THR A 106 -28.69 26.87 25.84
N ILE A 107 -29.52 25.83 25.95
CA ILE A 107 -28.93 24.56 25.57
C ILE A 107 -28.76 24.49 24.04
N PRO A 108 -29.59 25.12 23.19
CA PRO A 108 -29.21 25.19 21.77
C PRO A 108 -27.89 25.87 21.52
N ASP A 109 -27.58 26.97 22.23
CA ASP A 109 -26.30 27.64 22.04
C ASP A 109 -25.15 26.76 22.49
N TRP A 110 -25.38 25.95 23.52
CA TRP A 110 -24.36 25.05 24.02
C TRP A 110 -24.11 23.92 23.05
N LEU A 111 -25.18 23.34 22.51
CA LEU A 111 -25.05 22.31 21.51
C LEU A 111 -24.37 22.85 20.27
N GLN A 112 -24.71 24.09 19.90
CA GLN A 112 -24.07 24.71 18.74
C GLN A 112 -22.56 24.88 18.97
N ALA A 113 -22.18 25.24 20.20
CA ALA A 113 -20.77 25.35 20.55
C ALA A 113 -20.08 24.00 20.43
N ILE A 114 -20.75 22.94 20.88
CA ILE A 114 -20.20 21.60 20.77
C ILE A 114 -20.02 21.23 19.30
N GLN A 115 -21.04 21.47 18.48
CA GLN A 115 -20.94 21.16 17.06
C GLN A 115 -19.88 22.01 16.37
N ASN A 116 -19.78 23.29 16.77
CA ASN A 116 -18.76 24.15 16.17
C ASN A 116 -17.35 23.70 16.55
N TYR A 117 -17.17 23.17 17.76
CA TYR A 117 -15.87 22.63 18.16
C TYR A 117 -15.50 21.45 17.26
N MET A 118 -16.44 20.53 17.06
CA MET A 118 -16.22 19.39 16.19
C MET A 118 -15.92 19.84 14.76
N LYS A 119 -16.68 20.81 14.24
CA LYS A 119 -16.39 21.32 12.91
C LYS A 119 -15.01 21.94 12.84
N THR A 120 -14.56 22.57 13.93
CA THR A 120 -13.22 23.17 13.94
C THR A 120 -12.14 22.09 13.93
N LEU A 121 -12.38 20.96 14.62
CA LEU A 121 -11.48 19.83 14.50
C LEU A 121 -11.41 19.33 13.07
N GLN A 122 -12.50 19.51 12.31
CA GLN A 122 -12.66 19.17 10.89
C GLN A 122 -12.96 17.70 10.68
N TYR A 123 -13.73 17.38 9.64
CA TYR A 123 -13.94 16.00 9.25
C TYR A 123 -12.63 15.46 8.68
N ASN A 124 -12.28 14.24 9.08
CA ASN A 124 -10.99 13.66 8.69
C ASN A 124 -11.12 13.10 7.28
N HIS A 125 -10.51 13.78 6.30
CA HIS A 125 -10.47 13.30 4.92
C HIS A 125 -9.15 12.63 4.55
N THR A 126 -8.31 12.26 5.53
CA THR A 126 -6.98 11.74 5.19
C THR A 126 -6.96 10.25 4.88
N GLY A 127 -8.00 9.50 5.23
CA GLY A 127 -7.95 8.07 5.10
C GLY A 127 -7.37 7.34 6.29
N THR A 128 -6.76 8.06 7.24
CA THR A 128 -6.23 7.46 8.46
C THR A 128 -7.00 8.03 9.64
N GLN A 129 -7.79 7.19 10.30
CA GLN A 129 -8.51 7.59 11.50
C GLN A 129 -7.55 7.64 12.68
N PHE A 130 -7.55 8.77 13.38
CA PHE A 130 -6.45 9.04 14.32
C PHE A 130 -6.70 8.49 15.70
N PHE A 131 -7.96 8.24 16.06
CA PHE A 131 -8.33 7.72 17.37
C PHE A 131 -9.10 6.42 17.17
N GLU A 132 -8.56 5.34 17.71
CA GLU A 132 -9.24 4.05 17.67
C GLU A 132 -10.47 4.07 18.58
N ILE A 133 -11.60 3.64 18.04
CA ILE A 133 -12.84 3.54 18.79
C ILE A 133 -13.34 2.10 18.71
N ARG A 134 -13.21 1.36 19.81
CA ARG A 134 -13.82 0.04 19.92
C ARG A 134 -15.26 0.24 20.40
N LYS A 135 -16.22 0.03 19.50
CA LYS A 135 -17.62 0.37 19.76
C LYS A 135 -18.17 -0.25 21.03
N MET A 136 -17.68 -1.42 21.42
CA MET A 136 -18.26 -2.16 22.53
C MET A 136 -17.49 -1.99 23.83
N ARG A 137 -16.39 -1.25 23.79
CA ARG A 137 -15.64 -0.86 24.99
C ARG A 137 -16.56 -0.17 25.99
N PRO A 138 -16.31 -0.35 27.30
CA PRO A 138 -17.12 0.39 28.28
C PRO A 138 -17.03 1.89 28.07
N LEU A 139 -18.13 2.58 28.41
CA LEU A 139 -18.20 4.04 28.26
C LEU A 139 -17.04 4.74 28.94
N SER A 140 -16.67 4.30 30.13
CA SER A 140 -15.58 4.93 30.86
C SER A 140 -14.28 4.88 30.07
N GLY A 141 -14.05 3.79 29.34
CA GLY A 141 -12.88 3.73 28.49
C GLY A 141 -13.00 4.65 27.28
N LEU A 142 -14.21 4.76 26.73
CA LEU A 142 -14.45 5.65 25.60
C LEU A 142 -14.34 7.12 25.99
N MET A 143 -14.72 7.47 27.22
CA MET A 143 -14.61 8.87 27.62
C MET A 143 -13.15 9.30 27.76
N GLU A 144 -12.25 8.39 28.11
CA GLU A 144 -10.83 8.71 28.14
C GLU A 144 -10.30 8.99 26.74
N THR A 145 -10.82 8.26 25.75
CA THR A 145 -10.45 8.54 24.36
C THR A 145 -11.04 9.87 23.89
N ALA A 146 -12.28 10.18 24.29
CA ALA A 146 -12.85 11.48 24.00
C ALA A 146 -11.95 12.59 24.55
N LYS A 147 -11.57 12.48 25.82
CA LYS A 147 -10.68 13.47 26.42
C LYS A 147 -9.36 13.58 25.65
N GLU A 148 -8.82 12.44 25.19
CA GLU A 148 -7.61 12.47 24.37
C GLU A 148 -7.84 13.23 23.06
N MET A 149 -9.03 13.09 22.46
CA MET A 149 -9.33 13.88 21.28
C MET A 149 -9.23 15.38 21.57
N THR A 150 -9.71 15.82 22.74
CA THR A 150 -9.64 17.24 23.04
C THR A 150 -8.19 17.68 23.24
N ARG A 151 -7.36 16.81 23.81
CA ARG A 151 -5.97 17.19 24.05
C ARG A 151 -5.16 17.17 22.76
N GLU A 152 -5.33 16.14 21.91
CA GLU A 152 -4.52 16.09 20.69
C GLU A 152 -5.07 16.99 19.59
N SER A 153 -6.39 17.14 19.52
CA SER A 153 -7.04 18.16 18.69
C SER A 153 -6.76 17.94 17.19
N LEU A 154 -7.23 16.80 16.70
CA LEU A 154 -7.02 16.38 15.32
C LEU A 154 -8.37 16.18 14.63
N PRO A 155 -8.39 16.06 13.30
CA PRO A 155 -9.66 15.79 12.60
C PRO A 155 -10.22 14.44 13.00
N ILE A 156 -11.53 14.27 12.82
CA ILE A 156 -12.26 13.12 13.31
C ILE A 156 -13.31 12.69 12.29
N LYS A 157 -13.72 11.42 12.37
CA LYS A 157 -14.80 10.89 11.54
C LYS A 157 -16.06 10.69 12.39
N CYS A 158 -17.05 9.96 11.83
CA CYS A 158 -18.40 10.01 12.37
C CYS A 158 -18.48 9.36 13.75
N LEU A 159 -17.78 8.24 13.94
CA LEU A 159 -17.90 7.50 15.18
C LEU A 159 -17.17 8.22 16.33
N GLU A 160 -15.95 8.69 16.05
CA GLU A 160 -15.24 9.55 16.99
C GLU A 160 -16.10 10.73 17.43
N ALA A 161 -16.85 11.30 16.49
CA ALA A 161 -17.64 12.48 16.79
C ALA A 161 -18.78 12.13 17.74
N VAL A 162 -19.34 10.93 17.58
CA VAL A 162 -20.40 10.47 18.46
C VAL A 162 -19.88 10.30 19.88
N ILE A 163 -18.73 9.64 20.02
CA ILE A 163 -18.08 9.51 21.32
C ILE A 163 -17.76 10.88 21.90
N LEU A 164 -17.20 11.77 21.08
CA LEU A 164 -16.91 13.12 21.55
C LEU A 164 -18.18 13.84 22.00
N GLY A 165 -19.27 13.64 21.27
CA GLY A 165 -20.51 14.34 21.60
C GLY A 165 -21.11 13.83 22.90
N ILE A 166 -20.97 12.53 23.17
CA ILE A 166 -21.40 11.99 24.45
C ILE A 166 -20.60 12.62 25.58
N TYR A 167 -19.29 12.73 25.37
CA TYR A 167 -18.41 13.29 26.40
C TYR A 167 -18.73 14.74 26.70
N LEU A 168 -18.99 15.54 25.67
CA LEU A 168 -19.21 16.96 25.88
C LEU A 168 -20.61 17.27 26.41
N THR A 169 -21.53 16.29 26.43
CA THR A 169 -22.87 16.51 26.97
C THR A 169 -23.14 15.73 28.26
N ASN A 170 -22.16 15.01 28.81
CA ASN A 170 -22.42 14.18 29.98
C ASN A 170 -22.92 14.98 31.18
N GLY A 171 -22.50 16.22 31.33
CA GLY A 171 -22.92 16.98 32.51
C GLY A 171 -24.42 17.22 32.64
N GLN A 172 -25.15 17.24 31.52
CA GLN A 172 -26.43 17.95 31.44
C GLN A 172 -27.65 17.03 31.40
N PRO A 173 -28.38 16.88 32.52
CA PRO A 173 -29.46 15.87 32.58
C PRO A 173 -30.68 16.16 31.71
N SER A 174 -30.87 17.38 31.21
CA SER A 174 -31.97 17.65 30.31
C SER A 174 -31.70 17.20 28.88
N ILE A 175 -30.49 16.74 28.56
CA ILE A 175 -30.17 16.17 27.26
C ILE A 175 -30.14 14.66 27.38
N GLU A 176 -30.90 13.97 26.55
CA GLU A 176 -30.72 12.53 26.40
C GLU A 176 -30.06 12.26 25.05
N ARG A 177 -29.08 11.36 25.05
CA ARG A 177 -28.23 11.06 23.91
C ARG A 177 -28.46 9.62 23.51
N PHE A 178 -28.55 9.36 22.21
CA PHE A 178 -28.68 7.98 21.73
C PHE A 178 -28.13 7.89 20.30
N PRO A 179 -27.32 6.88 20.01
CA PRO A 179 -26.76 6.77 18.66
C PRO A 179 -27.84 6.43 17.65
N ILE A 180 -27.68 6.99 16.45
CA ILE A 180 -28.51 6.67 15.30
C ILE A 180 -27.58 6.23 14.17
N SER A 181 -27.68 4.97 13.77
CA SER A 181 -26.81 4.38 12.76
C SER A 181 -27.56 4.14 11.46
N PHE A 182 -26.85 4.30 10.36
CA PHE A 182 -27.39 4.10 9.03
C PHE A 182 -26.48 3.15 8.28
N LYS A 183 -27.07 2.17 7.61
CA LYS A 183 -26.40 1.37 6.59
C LYS A 183 -27.04 1.74 5.26
N THR A 184 -26.23 2.28 4.34
CA THR A 184 -26.79 2.78 3.09
C THR A 184 -26.12 2.07 1.92
N TYR A 185 -26.75 2.20 0.75
CA TYR A 185 -26.24 1.58 -0.47
C TYR A 185 -26.04 2.68 -1.51
N PHE A 186 -24.87 2.68 -2.13
CA PHE A 186 -24.61 3.54 -3.28
C PHE A 186 -23.67 2.80 -4.22
N SER A 187 -24.06 2.70 -5.48
CA SER A 187 -23.19 2.23 -6.57
C SER A 187 -22.47 0.93 -6.21
N GLY A 188 -23.27 -0.08 -5.83
CA GLY A 188 -22.73 -1.39 -5.56
C GLY A 188 -21.97 -1.54 -4.26
N ASN A 189 -22.03 -0.58 -3.36
CA ASN A 189 -21.34 -0.71 -2.09
C ASN A 189 -22.25 -0.30 -0.94
N TYR A 190 -21.93 -0.84 0.23
CA TYR A 190 -22.59 -0.50 1.47
C TYR A 190 -21.77 0.52 2.23
N PHE A 191 -22.45 1.41 2.94
CA PHE A 191 -21.78 2.42 3.75
C PHE A 191 -22.41 2.46 5.14
N HIS A 192 -21.58 2.76 6.14
CA HIS A 192 -21.97 2.79 7.52
C HIS A 192 -21.69 4.18 8.08
N HIS A 193 -22.68 4.75 8.76
CA HIS A 193 -22.58 6.09 9.26
C HIS A 193 -23.35 6.13 10.56
N VAL A 194 -22.94 7.01 11.47
CA VAL A 194 -23.63 7.14 12.74
C VAL A 194 -23.57 8.61 13.18
N VAL A 195 -24.64 9.05 13.83
CA VAL A 195 -24.73 10.36 14.46
C VAL A 195 -25.27 10.18 15.89
N LEU A 196 -25.23 11.26 16.66
CA LEU A 196 -25.70 11.21 18.05
C LEU A 196 -27.05 11.91 18.10
N GLY A 197 -28.12 11.13 18.17
CA GLY A 197 -29.43 11.70 18.39
C GLY A 197 -29.52 12.34 19.77
N ILE A 198 -30.25 13.42 19.86
CA ILE A 198 -30.42 14.09 21.14
C ILE A 198 -31.90 14.39 21.31
N TYR A 199 -32.34 14.34 22.57
CA TYR A 199 -33.73 14.56 22.96
C TYR A 199 -33.74 15.58 24.08
N CYS A 200 -34.50 16.66 23.91
CA CYS A 200 -34.49 17.73 24.90
C CYS A 200 -35.78 18.53 24.80
N ASN A 201 -36.54 18.61 25.90
CA ASN A 201 -37.74 19.45 26.00
C ASN A 201 -38.79 19.05 24.97
N GLY A 202 -38.96 17.74 24.77
CA GLY A 202 -39.89 17.26 23.77
C GLY A 202 -39.41 17.28 22.32
N TYR A 203 -38.23 17.82 22.02
CA TYR A 203 -37.76 17.87 20.64
C TYR A 203 -36.57 16.94 20.41
N TYR A 204 -36.39 16.58 19.14
CA TYR A 204 -35.32 15.70 18.72
C TYR A 204 -34.35 16.49 17.85
N GLY A 205 -33.08 16.10 17.91
CA GLY A 205 -32.05 16.72 17.11
C GLY A 205 -30.87 15.78 16.98
N SER A 206 -29.73 16.33 16.54
CA SER A 206 -28.56 15.47 16.44
C SER A 206 -27.28 16.28 16.45
N LEU A 207 -26.20 15.64 16.91
CA LEU A 207 -24.83 16.09 16.70
C LEU A 207 -24.09 15.03 15.89
N GLY A 208 -23.06 15.45 15.17
CA GLY A 208 -22.24 14.48 14.46
C GLY A 208 -21.27 15.14 13.49
N MET A 209 -20.62 14.28 12.71
CA MET A 209 -19.66 14.71 11.70
C MET A 209 -19.78 13.81 10.48
N SER A 210 -19.77 14.43 9.31
CA SER A 210 -19.88 13.73 8.04
C SER A 210 -19.18 14.58 6.99
N ARG A 211 -18.84 13.92 5.86
CA ARG A 211 -18.42 14.66 4.66
C ARG A 211 -19.49 15.62 4.20
N ARG A 212 -20.76 15.31 4.49
CA ARG A 212 -21.89 16.06 3.97
C ARG A 212 -22.53 16.87 5.09
N ALA A 213 -22.79 18.14 4.80
CA ALA A 213 -23.35 19.03 5.81
C ALA A 213 -24.75 18.59 6.25
N GLU A 214 -25.49 17.87 5.39
CA GLU A 214 -26.86 17.44 5.67
C GLU A 214 -26.93 16.12 6.41
N LEU A 215 -25.80 15.55 6.82
CA LEU A 215 -25.78 14.20 7.37
C LEU A 215 -25.13 14.17 8.75
N MET A 216 -25.24 15.25 9.52
CA MET A 216 -24.60 15.31 10.84
C MET A 216 -25.51 16.01 11.86
N ASP A 217 -25.26 17.29 12.13
CA ASP A 217 -26.07 18.02 13.10
C ASP A 217 -27.42 18.40 12.53
N LYS A 218 -28.47 18.22 13.34
CA LYS A 218 -29.81 18.68 13.06
C LYS A 218 -30.30 19.48 14.25
N PRO A 219 -30.94 20.62 14.03
CA PRO A 219 -31.41 21.43 15.15
C PRO A 219 -32.51 20.74 15.95
N LEU A 220 -32.74 21.25 17.16
CA LEU A 220 -33.72 20.67 18.08
C LEU A 220 -35.13 21.15 17.75
N THR A 221 -35.58 20.84 16.54
CA THR A 221 -36.89 21.28 16.08
C THR A 221 -37.73 20.14 15.55
N PHE A 222 -37.30 18.90 15.76
CA PHE A 222 -38.04 17.75 15.27
C PHE A 222 -38.98 17.28 16.37
N ARG A 223 -40.28 17.28 16.06
CA ARG A 223 -41.28 16.97 17.08
C ARG A 223 -41.32 15.47 17.38
N THR A 224 -40.82 14.65 16.47
CA THR A 224 -40.87 13.21 16.61
C THR A 224 -39.53 12.61 16.19
N LEU A 225 -39.23 11.43 16.75
CA LEU A 225 -38.07 10.69 16.27
C LEU A 225 -38.17 10.40 14.78
N SER A 226 -39.39 10.16 14.28
CA SER A 226 -39.57 9.83 12.88
C SER A 226 -39.21 11.01 11.97
N ASP A 227 -39.61 12.23 12.34
CA ASP A 227 -39.28 13.38 11.51
C ASP A 227 -37.78 13.53 11.37
N LEU A 228 -37.05 13.30 12.46
CA LEU A 228 -35.59 13.38 12.44
C LEU A 228 -35.00 12.31 11.50
N VAL A 229 -35.43 11.06 11.67
CA VAL A 229 -34.91 9.98 10.84
C VAL A 229 -35.27 10.22 9.38
N PHE A 230 -36.51 10.63 9.11
CA PHE A 230 -36.95 10.88 7.74
C PHE A 230 -36.19 12.02 7.10
N ASP A 231 -35.79 13.01 7.91
CA ASP A 231 -34.95 14.08 7.38
C ASP A 231 -33.58 13.53 6.92
N PHE A 232 -33.01 12.59 7.69
CA PHE A 232 -31.77 11.95 7.24
C PHE A 232 -32.00 11.12 6.00
N GLU A 233 -33.13 10.40 5.93
CA GLU A 233 -33.43 9.64 4.72
C GLU A 233 -33.56 10.57 3.51
N ASP A 234 -34.29 11.67 3.67
CA ASP A 234 -34.41 12.60 2.55
C ASP A 234 -33.07 13.24 2.21
N SER A 235 -32.21 13.46 3.21
CA SER A 235 -30.88 14.04 2.92
C SER A 235 -30.01 13.05 2.18
N TYR A 236 -30.11 11.76 2.53
CA TYR A 236 -29.34 10.74 1.82
C TYR A 236 -29.73 10.67 0.33
N LYS A 237 -31.03 10.83 0.04
CA LYS A 237 -31.54 10.86 -1.34
C LYS A 237 -30.77 11.82 -2.22
N LYS A 238 -30.46 13.02 -1.68
CA LYS A 238 -29.72 14.01 -2.44
C LYS A 238 -28.39 13.46 -2.93
N TYR A 239 -27.82 12.46 -2.26
CA TYR A 239 -26.56 11.85 -2.65
C TYR A 239 -26.74 10.48 -3.29
N LEU A 240 -27.98 10.14 -3.68
CA LEU A 240 -28.27 8.88 -4.38
C LEU A 240 -27.98 7.65 -3.53
N HIS A 241 -28.05 7.79 -2.20
CA HIS A 241 -27.91 6.66 -1.29
C HIS A 241 -29.30 6.17 -0.92
N THR A 242 -29.50 4.86 -0.92
CA THR A 242 -30.72 4.30 -0.37
C THR A 242 -30.39 3.76 1.02
N VAL A 243 -31.24 4.04 1.99
CA VAL A 243 -31.02 3.59 3.35
C VAL A 243 -31.51 2.14 3.46
N LYS A 244 -30.59 1.23 3.75
CA LYS A 244 -30.93 -0.17 3.95
C LYS A 244 -31.38 -0.45 5.37
N LYS A 245 -30.64 0.05 6.36
CA LYS A 245 -30.91 -0.18 7.77
C LYS A 245 -30.81 1.12 8.55
N VAL A 246 -31.79 1.36 9.41
CA VAL A 246 -31.66 2.37 10.47
C VAL A 246 -31.57 1.62 11.78
N LYS A 247 -30.55 1.94 12.59
CA LYS A 247 -30.36 1.35 13.91
C LYS A 247 -30.38 2.46 14.95
N ILE A 248 -31.24 2.30 15.94
CA ILE A 248 -31.37 3.26 17.02
C ILE A 248 -30.94 2.59 18.31
N GLY A 249 -30.05 3.25 19.06
CA GLY A 249 -29.59 2.75 20.33
C GLY A 249 -30.47 3.19 21.47
N LEU A 250 -30.02 2.87 22.68
CA LEU A 250 -30.61 3.34 23.93
C LEU A 250 -30.01 4.68 24.33
N TYR A 251 -30.70 5.35 25.24
CA TYR A 251 -30.12 6.52 25.91
C TYR A 251 -28.76 6.16 26.50
N VAL A 252 -27.78 7.03 26.26
CA VAL A 252 -26.47 6.82 26.86
C VAL A 252 -26.54 7.44 28.25
N PRO A 253 -26.31 6.67 29.30
CA PRO A 253 -26.49 7.21 30.65
C PRO A 253 -25.44 8.28 30.95
N HIS A 254 -25.87 9.32 31.65
CA HIS A 254 -24.93 10.32 32.11
C HIS A 254 -24.03 9.78 33.21
N GLU A 255 -24.48 8.77 33.95
CA GLU A 255 -23.72 8.14 35.02
C GLU A 255 -23.74 6.65 34.77
N PRO A 256 -22.85 6.14 33.93
CA PRO A 256 -22.90 4.74 33.53
C PRO A 256 -22.44 3.78 34.62
N HIS A 257 -22.91 2.55 34.54
CA HIS A 257 -22.35 1.47 35.35
C HIS A 257 -20.90 1.21 34.92
N SER A 258 -20.18 0.47 35.77
CA SER A 258 -18.72 0.47 35.70
C SER A 258 -18.21 -0.04 34.34
N PHE A 259 -18.78 -1.13 33.84
CA PHE A 259 -18.38 -1.68 32.56
C PHE A 259 -19.43 -1.47 31.48
N GLN A 260 -20.37 -0.55 31.70
CA GLN A 260 -21.52 -0.42 30.82
C GLN A 260 -21.09 0.10 29.45
N PRO A 261 -21.45 -0.58 28.36
CA PRO A 261 -21.17 -0.05 27.03
C PRO A 261 -22.32 0.77 26.47
N ILE A 262 -22.11 1.29 25.27
CA ILE A 262 -23.19 1.89 24.49
C ILE A 262 -24.00 0.77 23.85
N GLU A 263 -25.32 0.90 23.89
CA GLU A 263 -26.20 0.03 23.11
C GLU A 263 -26.46 0.70 21.77
N TRP A 264 -25.96 0.10 20.70
CA TRP A 264 -26.04 0.69 19.37
C TRP A 264 -27.26 0.26 18.56
N LYS A 265 -27.90 -0.84 18.93
CA LYS A 265 -28.83 -1.54 18.02
C LYS A 265 -30.07 -1.99 18.76
N GLN A 266 -30.64 -1.13 19.58
CA GLN A 266 -31.84 -1.50 20.30
C GLN A 266 -33.01 -1.70 19.33
N LEU A 267 -33.11 -0.85 18.31
CA LEU A 267 -34.10 -0.97 17.26
C LEU A 267 -33.39 -1.01 15.91
N VAL A 268 -33.74 -1.99 15.09
CA VAL A 268 -33.18 -2.13 13.75
C VAL A 268 -34.33 -2.24 12.77
N LEU A 269 -34.41 -1.31 11.82
CA LEU A 269 -35.45 -1.31 10.81
C LEU A 269 -34.82 -1.45 9.43
N ASN A 270 -35.35 -2.39 8.65
CA ASN A 270 -34.95 -2.59 7.25
C ASN A 270 -35.77 -1.62 6.40
N VAL A 271 -35.37 -0.36 6.44
CA VAL A 271 -36.26 0.70 5.96
C VAL A 271 -36.50 0.59 4.47
N SER A 272 -35.52 0.09 3.70
CA SER A 272 -35.70 0.00 2.25
C SER A 272 -36.80 -0.98 1.86
N LYS A 273 -37.22 -1.85 2.77
CA LYS A 273 -38.27 -2.83 2.53
C LYS A 273 -39.61 -2.39 3.12
N MET A 274 -39.67 -1.25 3.78
CA MET A 274 -40.86 -0.84 4.51
C MET A 274 -41.46 0.42 3.89
N LEU A 275 -42.79 0.50 3.94
CA LEU A 275 -43.47 1.73 3.61
C LEU A 275 -43.32 2.73 4.75
N ARG A 276 -43.32 4.02 4.41
CA ARG A 276 -43.03 5.05 5.40
C ARG A 276 -43.99 5.03 6.60
N ALA A 277 -45.27 4.69 6.39
CA ALA A 277 -46.17 4.69 7.55
C ALA A 277 -45.81 3.56 8.52
N ASP A 278 -45.28 2.45 8.00
CA ASP A 278 -44.83 1.39 8.89
C ASP A 278 -43.54 1.78 9.61
N ILE A 279 -42.66 2.50 8.91
CA ILE A 279 -41.45 3.01 9.55
C ILE A 279 -41.81 3.95 10.69
N ARG A 280 -42.71 4.90 10.41
CA ARG A 280 -43.13 5.85 11.43
C ARG A 280 -43.78 5.14 12.60
N LYS A 281 -44.62 4.13 12.31
CA LYS A 281 -45.28 3.40 13.38
C LYS A 281 -44.27 2.73 14.30
N GLU A 282 -43.24 2.10 13.72
CA GLU A 282 -42.23 1.42 14.52
C GLU A 282 -41.36 2.41 15.28
N LEU A 283 -41.04 3.55 14.66
CA LEU A 283 -40.18 4.52 15.32
C LEU A 283 -40.89 5.19 16.48
N GLU A 284 -42.15 5.57 16.30
CA GLU A 284 -42.89 6.27 17.35
C GLU A 284 -43.16 5.35 18.52
N LYS A 285 -43.47 4.08 18.25
CA LYS A 285 -43.62 3.10 19.32
C LYS A 285 -42.33 2.98 20.12
N TYR A 286 -41.20 2.87 19.42
CA TYR A 286 -39.93 2.72 20.11
C TYR A 286 -39.55 3.98 20.87
N ALA A 287 -39.67 5.15 20.22
CA ALA A 287 -39.36 6.40 20.90
C ALA A 287 -40.23 6.58 22.14
N ARG A 288 -41.50 6.17 22.06
CA ARG A 288 -42.37 6.27 23.24
C ARG A 288 -41.88 5.36 24.36
N ASP A 289 -41.43 4.15 24.02
CA ASP A 289 -40.84 3.28 25.03
C ASP A 289 -39.58 3.87 25.63
N MET A 290 -38.71 4.46 24.80
CA MET A 290 -37.54 5.19 25.32
C MET A 290 -37.95 6.22 26.36
N ARG A 291 -38.88 7.10 26.01
CA ARG A 291 -39.25 8.21 26.88
C ARG A 291 -39.89 7.73 28.19
N MET A 292 -40.50 6.56 28.20
CA MET A 292 -41.10 6.06 29.43
C MET A 292 -40.31 4.88 29.97
N LYS A 293 -40.65 3.71 29.43
CA LYS A 293 -40.20 2.42 29.91
C LYS A 293 -38.68 2.39 30.05
N ILE A 294 -38.23 1.61 31.03
CA ILE A 294 -36.86 1.14 31.07
C ILE A 294 -36.80 -0.11 30.18
N LEU A 295 -36.11 0.00 29.03
CA LEU A 295 -36.00 -1.10 28.10
C LEU A 295 -34.79 -1.97 28.43
N LYS A 296 -34.88 -3.26 28.09
CA LYS A 296 -33.72 -4.11 28.33
C LYS A 296 -32.82 -4.10 27.09
N PRO A 297 -31.52 -3.85 27.25
CA PRO A 297 -30.63 -3.79 26.08
C PRO A 297 -30.66 -5.08 25.27
N ALA A 298 -30.57 -4.93 23.95
CA ALA A 298 -30.73 -6.04 23.03
C ALA A 298 -29.41 -6.59 22.51
N SER A 299 -28.29 -6.25 23.14
CA SER A 299 -27.00 -6.72 22.67
C SER A 299 -26.15 -7.28 23.81
N PHE B 49 6.78 -2.10 -9.79
CA PHE B 49 7.85 -1.31 -10.39
C PHE B 49 8.60 -0.47 -9.35
N HIS B 50 8.53 -0.89 -8.08
CA HIS B 50 9.22 -0.15 -7.02
C HIS B 50 10.69 -0.59 -6.92
N VAL B 51 11.56 0.37 -6.69
CA VAL B 51 12.99 0.12 -6.48
C VAL B 51 13.41 0.74 -5.17
N ASN B 52 14.10 -0.04 -4.35
CA ASN B 52 14.69 0.50 -3.13
C ASN B 52 15.85 1.43 -3.49
N LYS B 53 15.72 2.71 -3.11
CA LYS B 53 16.76 3.71 -3.29
C LYS B 53 17.27 4.25 -1.95
N SER B 54 16.91 3.59 -0.85
CA SER B 54 17.18 4.06 0.50
C SER B 54 18.33 3.31 1.17
N GLY B 55 18.87 2.28 0.53
CA GLY B 55 19.96 1.54 1.14
C GLY B 55 19.46 0.47 2.11
N PHE B 56 20.29 0.15 3.08
CA PHE B 56 20.03 -0.93 4.00
C PHE B 56 20.52 -0.44 5.37
N PRO B 57 19.66 -0.48 6.41
CA PRO B 57 18.29 -0.99 6.30
C PRO B 57 17.36 -0.13 5.44
N ILE B 58 16.37 -0.81 4.85
CA ILE B 58 15.38 -0.14 4.01
C ILE B 58 14.63 0.87 4.87
N ASP B 59 14.35 2.05 4.31
CA ASP B 59 13.71 3.08 5.13
C ASP B 59 12.22 2.81 5.24
N SER B 60 11.57 3.57 6.14
CA SER B 60 10.20 3.27 6.50
C SER B 60 9.26 3.45 5.32
N HIS B 61 9.44 4.51 4.55
CA HIS B 61 8.58 4.71 3.38
C HIS B 61 8.69 3.54 2.39
N THR B 62 9.93 3.14 2.06
CA THR B 62 10.11 2.05 1.10
C THR B 62 9.59 0.74 1.67
N TRP B 63 9.82 0.52 2.95
CA TRP B 63 9.32 -0.69 3.60
C TRP B 63 7.80 -0.76 3.56
N GLU B 64 7.13 0.31 3.98
CA GLU B 64 5.68 0.34 3.96
C GLU B 64 5.14 0.22 2.54
N ARG B 65 5.79 0.89 1.59
CA ARG B 65 5.36 0.77 0.20
C ARG B 65 5.45 -0.67 -0.29
N MET B 66 6.53 -1.37 0.09
CA MET B 66 6.65 -2.78 -0.27
C MET B 66 5.44 -3.58 0.22
N TRP B 67 5.11 -3.41 1.49
CA TRP B 67 4.02 -4.20 2.10
C TRP B 67 2.65 -3.82 1.55
N LEU B 68 2.43 -2.54 1.20
CA LEU B 68 1.13 -2.20 0.61
C LEU B 68 0.96 -2.82 -0.75
N HIS B 69 2.03 -2.88 -1.53
CA HIS B 69 1.95 -3.49 -2.86
C HIS B 69 1.55 -4.96 -2.78
N VAL B 70 2.19 -5.73 -1.89
CA VAL B 70 1.88 -7.15 -1.84
C VAL B 70 0.50 -7.38 -1.19
N ALA B 71 0.08 -6.47 -0.32
CA ALA B 71 -1.27 -6.57 0.24
C ALA B 71 -2.34 -6.52 -0.84
N LYS B 72 -2.15 -5.66 -1.84
CA LYS B 72 -3.09 -5.55 -2.97
C LYS B 72 -2.97 -6.75 -3.91
N VAL B 73 -1.75 -7.13 -4.27
CA VAL B 73 -1.55 -8.21 -5.24
C VAL B 73 -2.05 -9.53 -4.69
N HIS B 74 -1.84 -9.78 -3.42
CA HIS B 74 -2.15 -11.11 -2.88
C HIS B 74 -3.64 -11.21 -2.54
N PRO B 75 -4.31 -12.29 -2.99
CA PRO B 75 -5.76 -12.42 -2.70
C PRO B 75 -6.09 -12.40 -1.22
N ARG B 76 -5.18 -12.85 -0.37
CA ARG B 76 -5.41 -12.79 1.05
C ARG B 76 -4.47 -11.78 1.67
N GLY B 77 -4.40 -10.60 1.05
CA GLY B 77 -3.41 -9.58 1.37
C GLY B 77 -3.25 -9.22 2.83
N GLY B 78 -4.30 -8.66 3.45
CA GLY B 78 -4.18 -8.22 4.83
C GLY B 78 -3.87 -9.35 5.79
N GLU B 79 -4.42 -10.54 5.52
CA GLU B 79 -4.13 -11.70 6.35
C GLU B 79 -2.67 -12.13 6.18
N MET B 80 -2.18 -12.12 4.94
CA MET B 80 -0.79 -12.55 4.70
C MET B 80 0.21 -11.58 5.35
N VAL B 81 -0.02 -10.28 5.19
CA VAL B 81 0.92 -9.27 5.69
C VAL B 81 1.00 -9.32 7.21
N GLY B 82 -0.15 -9.40 7.88
CA GLY B 82 -0.15 -9.43 9.33
C GLY B 82 0.52 -10.67 9.90
N ALA B 83 0.41 -11.79 9.18
CA ALA B 83 1.07 -13.02 9.60
C ALA B 83 2.58 -12.88 9.64
N ILE B 84 3.16 -12.03 8.80
CA ILE B 84 4.61 -11.94 8.68
C ILE B 84 5.18 -10.78 9.47
N ARG B 85 4.62 -9.58 9.31
CA ARG B 85 5.18 -8.42 10.00
C ARG B 85 5.11 -8.59 11.51
N ASN B 86 4.03 -9.18 12.01
CA ASN B 86 3.83 -9.37 13.43
C ASN B 86 4.34 -10.72 13.94
N ALA B 87 5.16 -11.42 13.17
CA ALA B 87 5.60 -12.75 13.55
C ALA B 87 6.84 -12.65 14.43
N ALA B 88 6.72 -13.08 15.69
CA ALA B 88 7.88 -12.99 16.59
C ALA B 88 8.89 -14.08 16.31
N PHE B 89 8.51 -15.15 15.63
CA PHE B 89 9.39 -16.31 15.43
C PHE B 89 9.43 -16.65 13.95
N LEU B 90 10.00 -15.75 13.15
CA LEU B 90 10.31 -16.06 11.77
C LEU B 90 11.61 -16.84 11.69
N ALA B 91 11.71 -17.70 10.68
CA ALA B 91 12.98 -18.33 10.37
C ALA B 91 14.00 -17.25 10.00
N LYS B 92 15.18 -17.32 10.63
CA LYS B 92 16.31 -16.54 10.18
C LYS B 92 16.93 -17.27 8.99
N PRO B 93 16.81 -16.72 7.79
CA PRO B 93 17.35 -17.44 6.63
C PRO B 93 18.87 -17.50 6.68
N SER B 94 19.42 -18.67 6.39
CA SER B 94 20.87 -18.80 6.38
C SER B 94 21.44 -17.96 5.25
N ILE B 95 22.70 -17.57 5.40
CA ILE B 95 23.37 -16.72 4.43
C ILE B 95 24.26 -17.61 3.57
N PRO B 96 24.02 -17.73 2.27
CA PRO B 96 24.84 -18.61 1.45
C PRO B 96 26.25 -18.07 1.30
N GLN B 97 27.21 -18.99 1.35
CA GLN B 97 28.59 -18.70 1.01
C GLN B 97 28.70 -18.07 -0.37
N VAL B 98 29.41 -16.95 -0.46
CA VAL B 98 29.64 -16.32 -1.76
C VAL B 98 30.61 -17.19 -2.57
N PRO B 99 30.29 -17.52 -3.82
CA PRO B 99 31.17 -18.39 -4.60
C PRO B 99 32.51 -17.73 -4.89
N ASN B 100 33.57 -18.54 -4.84
CA ASN B 100 34.90 -18.05 -5.14
C ASN B 100 35.62 -19.10 -5.99
N TYR B 101 36.01 -18.72 -7.20
CA TYR B 101 36.65 -19.66 -8.11
C TYR B 101 38.00 -20.12 -7.56
N ARG B 102 38.17 -21.44 -7.51
CA ARG B 102 39.41 -22.08 -7.11
C ARG B 102 39.83 -22.99 -8.25
N LEU B 103 41.15 -23.17 -8.39
CA LEU B 103 41.70 -23.96 -9.50
C LEU B 103 41.25 -25.41 -9.47
N SER B 104 40.81 -25.90 -8.31
CA SER B 104 40.26 -27.26 -8.26
C SER B 104 38.89 -27.36 -8.92
N MET B 105 38.36 -26.30 -9.53
CA MET B 105 37.05 -26.33 -10.16
C MET B 105 37.17 -26.31 -11.68
N THR B 106 36.40 -27.17 -12.33
CA THR B 106 36.16 -26.95 -13.75
C THR B 106 35.32 -25.69 -13.97
N ILE B 107 35.48 -25.11 -15.14
CA ILE B 107 34.71 -23.93 -15.50
C ILE B 107 33.21 -24.20 -15.47
N PRO B 108 32.69 -25.31 -16.01
CA PRO B 108 31.24 -25.58 -15.85
C PRO B 108 30.81 -25.71 -14.40
N ASP B 109 31.63 -26.33 -13.56
CA ASP B 109 31.25 -26.44 -12.15
C ASP B 109 31.26 -25.09 -11.46
N TRP B 110 32.20 -24.23 -11.85
CA TRP B 110 32.27 -22.87 -11.32
C TRP B 110 31.05 -22.06 -11.74
N LEU B 111 30.65 -22.19 -13.01
CA LEU B 111 29.47 -21.50 -13.50
C LEU B 111 28.22 -22.02 -12.83
N GLN B 112 28.16 -23.33 -12.55
CA GLN B 112 27.02 -23.88 -11.84
C GLN B 112 26.95 -23.34 -10.41
N ALA B 113 28.09 -23.19 -9.75
CA ALA B 113 28.09 -22.67 -8.39
C ALA B 113 27.61 -21.23 -8.33
N ILE B 114 27.99 -20.43 -9.33
CA ILE B 114 27.48 -19.07 -9.42
C ILE B 114 25.97 -19.09 -9.60
N GLN B 115 25.50 -19.88 -10.57
CA GLN B 115 24.06 -19.93 -10.83
C GLN B 115 23.29 -20.47 -9.63
N ASN B 116 23.84 -21.46 -8.93
CA ASN B 116 23.19 -21.98 -7.73
C ASN B 116 23.12 -20.93 -6.63
N TYR B 117 24.16 -20.11 -6.52
CA TYR B 117 24.15 -19.02 -5.56
C TYR B 117 23.04 -18.04 -5.87
N MET B 118 22.86 -17.72 -7.15
CA MET B 118 21.75 -16.86 -7.57
C MET B 118 20.41 -17.49 -7.21
N LYS B 119 20.23 -18.77 -7.54
CA LYS B 119 18.99 -19.46 -7.21
C LYS B 119 18.71 -19.43 -5.71
N THR B 120 19.78 -19.55 -4.91
CA THR B 120 19.64 -19.54 -3.46
C THR B 120 19.24 -18.16 -2.95
N LEU B 121 19.78 -17.10 -3.55
CA LEU B 121 19.30 -15.76 -3.22
C LEU B 121 17.81 -15.63 -3.50
N GLN B 122 17.34 -16.32 -4.55
CA GLN B 122 15.96 -16.47 -5.02
C GLN B 122 15.59 -15.35 -5.97
N TYR B 123 14.71 -15.64 -6.92
CA TYR B 123 14.12 -14.60 -7.73
C TYR B 123 13.22 -13.73 -6.86
N ASN B 124 13.25 -12.42 -7.07
CA ASN B 124 12.56 -11.49 -6.21
C ASN B 124 11.12 -11.33 -6.68
N HIS B 125 10.18 -11.99 -5.98
CA HIS B 125 8.76 -11.93 -6.27
C HIS B 125 7.99 -10.91 -5.40
N THR B 126 8.71 -10.01 -4.69
CA THR B 126 8.04 -9.11 -3.74
C THR B 126 7.49 -7.84 -4.39
N GLY B 127 7.87 -7.52 -5.63
CA GLY B 127 7.47 -6.28 -6.24
C GLY B 127 8.36 -5.10 -5.93
N THR B 128 9.26 -5.21 -4.93
CA THR B 128 10.24 -4.17 -4.65
C THR B 128 11.65 -4.70 -4.98
N GLN B 129 12.26 -4.14 -6.01
CA GLN B 129 13.65 -4.47 -6.32
C GLN B 129 14.58 -3.87 -5.28
N PHE B 130 15.40 -4.70 -4.64
CA PHE B 130 16.12 -4.21 -3.46
C PHE B 130 17.42 -3.49 -3.79
N PHE B 131 18.02 -3.74 -4.95
CA PHE B 131 19.26 -3.09 -5.35
C PHE B 131 19.01 -2.27 -6.61
N GLU B 132 19.29 -0.98 -6.52
CA GLU B 132 19.14 -0.11 -7.68
C GLU B 132 20.30 -0.37 -8.65
N ILE B 133 19.96 -0.64 -9.91
CA ILE B 133 20.92 -0.83 -11.00
C ILE B 133 20.72 0.31 -11.99
N ARG B 134 21.65 1.25 -12.05
CA ARG B 134 21.63 2.25 -13.10
C ARG B 134 22.53 1.71 -14.22
N LYS B 135 21.91 1.10 -15.23
CA LYS B 135 22.62 0.20 -16.12
C LYS B 135 23.62 0.92 -17.02
N MET B 136 23.58 2.24 -17.09
CA MET B 136 24.56 2.99 -17.84
C MET B 136 25.71 3.51 -16.98
N ARG B 137 25.77 3.11 -15.70
CA ARG B 137 26.86 3.52 -14.85
C ARG B 137 28.18 2.92 -15.33
N PRO B 138 29.32 3.52 -14.95
CA PRO B 138 30.59 2.83 -15.17
C PRO B 138 30.60 1.47 -14.48
N LEU B 139 31.29 0.51 -15.12
CA LEU B 139 31.32 -0.85 -14.57
C LEU B 139 31.84 -0.89 -13.13
N SER B 140 32.79 -0.02 -12.79
CA SER B 140 33.35 -0.05 -11.44
C SER B 140 32.28 0.28 -10.41
N GLY B 141 31.37 1.18 -10.74
CA GLY B 141 30.27 1.47 -9.85
C GLY B 141 29.29 0.31 -9.75
N LEU B 142 29.00 -0.34 -10.87
CA LEU B 142 28.10 -1.48 -10.84
C LEU B 142 28.69 -2.62 -10.02
N MET B 143 30.02 -2.77 -10.03
CA MET B 143 30.65 -3.85 -9.26
C MET B 143 30.58 -3.57 -7.77
N GLU B 144 30.51 -2.29 -7.38
CA GLU B 144 30.23 -1.94 -5.99
C GLU B 144 28.88 -2.49 -5.56
N THR B 145 27.87 -2.29 -6.41
CA THR B 145 26.53 -2.76 -6.09
C THR B 145 26.49 -4.29 -6.00
N ALA B 146 27.16 -4.97 -6.93
CA ALA B 146 27.26 -6.43 -6.89
C ALA B 146 27.81 -6.92 -5.57
N LYS B 147 28.88 -6.28 -5.08
CA LYS B 147 29.45 -6.61 -3.78
C LYS B 147 28.40 -6.43 -2.69
N GLU B 148 27.68 -5.31 -2.72
CA GLU B 148 26.61 -5.10 -1.75
C GLU B 148 25.59 -6.24 -1.80
N MET B 149 25.28 -6.74 -3.00
CA MET B 149 24.35 -7.86 -3.11
C MET B 149 24.84 -9.08 -2.34
N THR B 150 26.15 -9.34 -2.36
CA THR B 150 26.67 -10.52 -1.67
C THR B 150 26.76 -10.29 -0.17
N ARG B 151 26.82 -9.03 0.25
CA ARG B 151 26.84 -8.76 1.68
C ARG B 151 25.42 -8.77 2.25
N GLU B 152 24.45 -8.15 1.56
CA GLU B 152 23.10 -8.11 2.10
C GLU B 152 22.33 -9.40 1.85
N SER B 153 22.61 -10.08 0.73
CA SER B 153 22.11 -11.41 0.46
C SER B 153 20.57 -11.48 0.52
N LEU B 154 19.95 -10.76 -0.44
CA LEU B 154 18.51 -10.64 -0.62
C LEU B 154 18.08 -11.18 -1.99
N PRO B 155 16.79 -11.42 -2.22
CA PRO B 155 16.34 -11.87 -3.56
C PRO B 155 16.65 -10.85 -4.65
N ILE B 156 16.74 -11.34 -5.90
CA ILE B 156 17.16 -10.50 -7.02
C ILE B 156 16.31 -10.77 -8.25
N LYS B 157 16.33 -9.79 -9.15
CA LYS B 157 15.66 -9.90 -10.44
C LYS B 157 16.72 -10.03 -11.55
N CYS B 158 16.27 -9.91 -12.81
CA CYS B 158 17.09 -10.33 -13.93
C CYS B 158 18.30 -9.42 -14.11
N LEU B 159 18.11 -8.11 -13.98
CA LEU B 159 19.20 -7.17 -14.22
C LEU B 159 20.24 -7.23 -13.11
N GLU B 160 19.81 -7.31 -11.85
CA GLU B 160 20.75 -7.51 -10.75
C GLU B 160 21.58 -8.76 -10.96
N ALA B 161 20.93 -9.84 -11.43
CA ALA B 161 21.65 -11.10 -11.63
C ALA B 161 22.73 -10.96 -12.71
N VAL B 162 22.44 -10.19 -13.75
CA VAL B 162 23.44 -9.96 -14.79
C VAL B 162 24.66 -9.25 -14.19
N ILE B 163 24.41 -8.17 -13.44
CA ILE B 163 25.48 -7.45 -12.78
C ILE B 163 26.25 -8.39 -11.85
N LEU B 164 25.53 -9.19 -11.07
CA LEU B 164 26.18 -10.12 -10.16
C LEU B 164 26.99 -11.18 -10.93
N GLY B 165 26.47 -11.64 -12.07
CA GLY B 165 27.18 -12.65 -12.83
C GLY B 165 28.49 -12.13 -13.42
N ILE B 166 28.49 -10.85 -13.81
CA ILE B 166 29.73 -10.21 -14.27
C ILE B 166 30.73 -10.15 -13.13
N TYR B 167 30.28 -9.67 -11.97
CA TYR B 167 31.14 -9.58 -10.80
C TYR B 167 31.79 -10.91 -10.46
N LEU B 168 31.04 -12.00 -10.52
CA LEU B 168 31.58 -13.28 -10.07
C LEU B 168 32.45 -13.96 -11.11
N THR B 169 32.43 -13.50 -12.37
CA THR B 169 33.25 -14.08 -13.41
C THR B 169 34.40 -13.19 -13.87
N ASN B 170 34.56 -12.01 -13.24
CA ASN B 170 35.58 -11.06 -13.67
C ASN B 170 36.99 -11.63 -13.54
N GLY B 171 37.23 -12.53 -12.60
CA GLY B 171 38.59 -13.02 -12.54
C GLY B 171 38.98 -14.16 -13.48
N GLN B 172 38.17 -14.48 -14.48
CA GLN B 172 38.43 -15.65 -15.31
C GLN B 172 38.52 -15.26 -16.78
N PRO B 173 39.73 -15.03 -17.30
CA PRO B 173 39.86 -14.54 -18.69
C PRO B 173 39.30 -15.48 -19.74
N SER B 174 39.21 -16.78 -19.49
CA SER B 174 38.64 -17.68 -20.48
C SER B 174 37.12 -17.55 -20.60
N ILE B 175 36.42 -16.90 -19.67
CA ILE B 175 34.98 -16.65 -19.78
C ILE B 175 34.79 -15.27 -20.38
N GLU B 176 34.13 -15.18 -21.53
CA GLU B 176 33.67 -13.90 -22.05
C GLU B 176 32.19 -13.74 -21.73
N ARG B 177 31.79 -12.53 -21.31
CA ARG B 177 30.46 -12.22 -20.80
C ARG B 177 29.86 -11.12 -21.65
N PHE B 178 28.58 -11.27 -22.02
CA PHE B 178 27.91 -10.22 -22.76
C PHE B 178 26.41 -10.29 -22.51
N PRO B 179 25.74 -9.15 -22.36
CA PRO B 179 24.30 -9.19 -22.06
C PRO B 179 23.50 -9.57 -23.29
N ILE B 180 22.44 -10.35 -23.08
CA ILE B 180 21.45 -10.64 -24.08
C ILE B 180 20.11 -10.15 -23.54
N SER B 181 19.48 -9.22 -24.25
CA SER B 181 18.25 -8.58 -23.81
C SER B 181 17.10 -8.97 -24.73
N PHE B 182 15.90 -9.06 -24.14
CA PHE B 182 14.69 -9.44 -24.86
C PHE B 182 13.57 -8.46 -24.55
N LYS B 183 12.90 -7.99 -25.59
CA LYS B 183 11.65 -7.27 -25.46
C LYS B 183 10.56 -8.18 -26.01
N THR B 184 9.65 -8.60 -25.16
CA THR B 184 8.62 -9.54 -25.56
C THR B 184 7.25 -8.92 -25.39
N TYR B 185 6.28 -9.50 -26.11
CA TYR B 185 4.89 -9.08 -26.09
C TYR B 185 4.04 -10.19 -25.47
N PHE B 186 3.17 -9.82 -24.54
CA PHE B 186 2.17 -10.76 -24.05
C PHE B 186 0.91 -9.99 -23.68
N SER B 187 -0.20 -10.35 -24.31
CA SER B 187 -1.54 -9.85 -23.99
C SER B 187 -1.55 -8.35 -23.71
N GLY B 188 -1.14 -7.58 -24.72
CA GLY B 188 -1.26 -6.14 -24.66
C GLY B 188 -0.11 -5.41 -24.02
N ASN B 189 0.87 -6.12 -23.47
CA ASN B 189 1.97 -5.47 -22.75
C ASN B 189 3.32 -5.93 -23.27
N TYR B 190 4.31 -5.06 -23.10
CA TYR B 190 5.70 -5.34 -23.41
C TYR B 190 6.43 -5.68 -22.12
N PHE B 191 7.32 -6.67 -22.19
CA PHE B 191 8.13 -7.10 -21.07
C PHE B 191 9.60 -7.05 -21.46
N HIS B 192 10.44 -6.63 -20.52
CA HIS B 192 11.87 -6.53 -20.76
C HIS B 192 12.62 -7.51 -19.87
N HIS B 193 13.57 -8.22 -20.46
CA HIS B 193 14.30 -9.26 -19.76
C HIS B 193 15.74 -9.24 -20.26
N VAL B 194 16.67 -9.61 -19.39
CA VAL B 194 18.08 -9.66 -19.75
C VAL B 194 18.72 -10.85 -19.05
N VAL B 195 19.65 -11.52 -19.75
CA VAL B 195 20.50 -12.57 -19.20
C VAL B 195 21.96 -12.26 -19.58
N LEU B 196 22.88 -12.95 -18.91
CA LEU B 196 24.31 -12.81 -19.17
C LEU B 196 24.73 -13.96 -20.09
N GLY B 197 24.83 -13.67 -21.39
CA GLY B 197 25.41 -14.65 -22.29
C GLY B 197 26.88 -14.87 -21.96
N ILE B 198 27.34 -16.10 -22.12
CA ILE B 198 28.75 -16.38 -21.88
C ILE B 198 29.29 -17.17 -23.07
N TYR B 199 30.59 -17.01 -23.31
CA TYR B 199 31.28 -17.70 -24.40
C TYR B 199 32.59 -18.23 -23.84
N CYS B 200 32.82 -19.53 -23.98
CA CYS B 200 34.00 -20.13 -23.40
C CYS B 200 34.41 -21.37 -24.19
N ASN B 201 35.70 -21.45 -24.56
CA ASN B 201 36.23 -22.63 -25.28
C ASN B 201 35.37 -22.98 -26.49
N GLY B 202 34.90 -21.96 -27.20
CA GLY B 202 34.09 -22.15 -28.38
C GLY B 202 32.61 -22.44 -28.16
N TYR B 203 32.15 -22.50 -26.90
CA TYR B 203 30.74 -22.77 -26.62
C TYR B 203 30.04 -21.57 -26.00
N TYR B 204 28.76 -21.46 -26.29
CA TYR B 204 27.90 -20.42 -25.74
C TYR B 204 27.02 -21.01 -24.65
N GLY B 205 26.74 -20.19 -23.65
CA GLY B 205 25.79 -20.49 -22.58
C GLY B 205 25.30 -19.19 -21.96
N SER B 206 24.68 -19.31 -20.79
CA SER B 206 24.16 -18.11 -20.14
C SER B 206 24.01 -18.30 -18.64
N LEU B 207 24.11 -17.18 -17.91
CA LEU B 207 23.66 -17.07 -16.53
C LEU B 207 22.52 -16.07 -16.47
N GLY B 208 21.63 -16.24 -15.49
CA GLY B 208 20.66 -15.20 -15.20
C GLY B 208 19.63 -15.61 -14.17
N MET B 209 18.63 -14.75 -13.99
CA MET B 209 17.51 -15.05 -13.12
C MET B 209 16.21 -14.63 -13.78
N SER B 210 15.21 -15.50 -13.70
CA SER B 210 13.88 -15.26 -14.22
C SER B 210 12.86 -15.94 -13.31
N ARG B 211 11.61 -15.48 -13.40
CA ARG B 211 10.49 -16.23 -12.84
C ARG B 211 10.42 -17.64 -13.42
N ARG B 212 10.87 -17.81 -14.65
CA ARG B 212 10.73 -19.05 -15.41
C ARG B 212 12.06 -19.77 -15.49
N ALA B 213 12.04 -21.08 -15.20
CA ALA B 213 13.28 -21.83 -15.14
C ALA B 213 13.99 -21.93 -16.48
N GLU B 214 13.28 -21.76 -17.60
CA GLU B 214 13.92 -21.91 -18.90
C GLU B 214 14.21 -20.58 -19.56
N LEU B 215 14.22 -19.48 -18.80
CA LEU B 215 14.60 -18.18 -19.32
C LEU B 215 15.77 -17.57 -18.53
N MET B 216 16.70 -18.39 -18.04
CA MET B 216 17.84 -17.89 -17.27
C MET B 216 19.13 -18.61 -17.66
N ASP B 217 19.55 -19.62 -16.91
CA ASP B 217 20.80 -20.30 -17.22
C ASP B 217 20.61 -21.29 -18.35
N LYS B 218 21.60 -21.36 -19.23
CA LYS B 218 21.69 -22.37 -20.28
C LYS B 218 23.07 -22.99 -20.23
N PRO B 219 23.19 -24.29 -20.43
CA PRO B 219 24.50 -24.94 -20.33
C PRO B 219 25.44 -24.49 -21.43
N LEU B 220 26.75 -24.60 -21.13
CA LEU B 220 27.81 -24.30 -22.09
C LEU B 220 27.89 -25.34 -23.19
N THR B 221 26.82 -25.53 -23.95
CA THR B 221 26.81 -26.57 -24.96
C THR B 221 26.33 -26.06 -26.32
N PHE B 222 26.13 -24.75 -26.46
CA PHE B 222 25.60 -24.20 -27.69
C PHE B 222 26.75 -23.84 -28.62
N ARG B 223 26.69 -24.34 -29.84
CA ARG B 223 27.80 -24.19 -30.77
C ARG B 223 27.81 -22.83 -31.46
N THR B 224 26.68 -22.11 -31.45
CA THR B 224 26.57 -20.81 -32.10
C THR B 224 25.74 -19.89 -31.21
N LEU B 225 25.96 -18.58 -31.38
CA LEU B 225 25.10 -17.61 -30.73
C LEU B 225 23.65 -17.79 -31.16
N SER B 226 23.42 -18.09 -32.44
CA SER B 226 22.06 -18.29 -32.93
C SER B 226 21.35 -19.42 -32.18
N ASP B 227 22.04 -20.54 -31.94
CA ASP B 227 21.38 -21.64 -31.24
C ASP B 227 20.96 -21.22 -29.84
N LEU B 228 21.81 -20.45 -29.14
CA LEU B 228 21.45 -19.99 -27.79
C LEU B 228 20.23 -19.06 -27.85
N VAL B 229 20.27 -18.07 -28.73
CA VAL B 229 19.16 -17.13 -28.86
C VAL B 229 17.86 -17.87 -29.21
N PHE B 230 17.93 -18.79 -30.18
CA PHE B 230 16.73 -19.50 -30.61
C PHE B 230 16.16 -20.37 -29.50
N ASP B 231 17.03 -20.85 -28.60
CA ASP B 231 16.54 -21.62 -27.46
C ASP B 231 15.75 -20.74 -26.50
N PHE B 232 16.23 -19.51 -26.27
CA PHE B 232 15.43 -18.55 -25.51
C PHE B 232 14.11 -18.23 -26.23
N GLU B 233 14.17 -18.06 -27.56
CA GLU B 233 12.94 -17.76 -28.31
C GLU B 233 11.92 -18.89 -28.18
N ASP B 234 12.37 -20.14 -28.27
CA ASP B 234 11.45 -21.25 -28.14
C ASP B 234 10.94 -21.38 -26.71
N SER B 235 11.79 -21.06 -25.73
CA SER B 235 11.38 -21.10 -24.33
C SER B 235 10.27 -20.10 -24.05
N TYR B 236 10.34 -18.91 -24.67
CA TYR B 236 9.31 -17.90 -24.49
C TYR B 236 7.97 -18.38 -25.02
N LYS B 237 7.99 -19.20 -26.09
CA LYS B 237 6.75 -19.73 -26.65
C LYS B 237 5.95 -20.50 -25.63
N LYS B 238 6.62 -21.24 -24.74
CA LYS B 238 5.92 -22.00 -23.70
C LYS B 238 5.04 -21.09 -22.87
N TYR B 239 5.41 -19.82 -22.76
CA TYR B 239 4.69 -18.86 -21.94
C TYR B 239 3.92 -17.85 -22.77
N LEU B 240 3.73 -18.11 -24.08
CA LEU B 240 2.90 -17.32 -24.98
C LEU B 240 3.45 -15.92 -25.23
N HIS B 241 4.76 -15.73 -25.05
CA HIS B 241 5.41 -14.45 -25.34
C HIS B 241 5.93 -14.45 -26.76
N THR B 242 5.69 -13.37 -27.48
CA THR B 242 6.34 -13.14 -28.77
C THR B 242 7.56 -12.26 -28.54
N VAL B 243 8.72 -12.71 -29.03
CA VAL B 243 9.91 -11.87 -28.95
C VAL B 243 9.81 -10.79 -30.01
N LYS B 244 9.79 -9.53 -29.58
CA LYS B 244 9.75 -8.40 -30.49
C LYS B 244 11.16 -7.92 -30.85
N LYS B 245 12.06 -7.88 -29.87
CA LYS B 245 13.43 -7.43 -30.05
C LYS B 245 14.41 -8.33 -29.32
N VAL B 246 15.53 -8.59 -29.96
CA VAL B 246 16.71 -9.15 -29.32
C VAL B 246 17.83 -8.13 -29.42
N LYS B 247 18.49 -7.86 -28.29
CA LYS B 247 19.61 -6.94 -28.21
C LYS B 247 20.79 -7.70 -27.64
N ILE B 248 21.88 -7.78 -28.40
CA ILE B 248 23.14 -8.36 -27.94
C ILE B 248 24.10 -7.23 -27.62
N GLY B 249 24.78 -7.33 -26.48
CA GLY B 249 25.81 -6.39 -26.12
C GLY B 249 27.19 -6.82 -26.59
N LEU B 250 28.19 -6.07 -26.14
CA LEU B 250 29.61 -6.37 -26.33
C LEU B 250 30.14 -7.18 -25.16
N TYR B 251 31.29 -7.81 -25.38
CA TYR B 251 32.05 -8.41 -24.28
C TYR B 251 32.25 -7.41 -23.16
N VAL B 252 32.04 -7.86 -21.93
CA VAL B 252 32.24 -7.01 -20.75
C VAL B 252 33.70 -7.13 -20.33
N PRO B 253 34.44 -6.02 -20.24
CA PRO B 253 35.84 -6.08 -19.82
C PRO B 253 36.02 -6.78 -18.49
N HIS B 254 37.15 -7.47 -18.34
CA HIS B 254 37.47 -8.18 -17.11
C HIS B 254 38.12 -7.32 -16.04
N GLU B 255 38.40 -6.04 -16.31
CA GLU B 255 38.90 -5.16 -15.25
C GLU B 255 37.74 -4.68 -14.38
N PRO B 256 37.71 -5.03 -13.08
CA PRO B 256 36.61 -4.56 -12.21
C PRO B 256 36.61 -3.06 -11.95
N HIS B 257 37.76 -2.37 -12.09
CA HIS B 257 37.83 -0.93 -11.91
C HIS B 257 37.64 -0.17 -13.21
N SER B 258 37.13 -0.81 -14.26
CA SER B 258 36.95 -0.16 -15.54
C SER B 258 35.95 0.97 -15.45
N PHE B 259 36.27 2.10 -16.12
CA PHE B 259 35.37 3.24 -16.17
C PHE B 259 34.32 3.13 -17.29
N GLN B 260 34.50 2.22 -18.24
CA GLN B 260 33.56 2.05 -19.32
C GLN B 260 32.23 1.49 -18.80
N PRO B 261 31.13 1.81 -19.46
CA PRO B 261 29.86 1.15 -19.16
C PRO B 261 29.71 -0.12 -19.99
N ILE B 262 28.72 -0.92 -19.60
CA ILE B 262 28.32 -2.06 -20.42
C ILE B 262 27.65 -1.57 -21.70
N GLU B 263 27.97 -2.20 -22.82
CA GLU B 263 27.22 -1.97 -24.04
C GLU B 263 26.09 -2.99 -24.10
N TRP B 264 24.84 -2.50 -24.07
CA TRP B 264 23.67 -3.36 -24.02
C TRP B 264 23.04 -3.61 -25.39
N LYS B 265 23.35 -2.77 -26.38
CA LYS B 265 22.57 -2.69 -27.63
C LYS B 265 23.50 -2.64 -28.83
N GLN B 266 24.55 -3.47 -28.85
CA GLN B 266 25.44 -3.43 -30.00
C GLN B 266 24.74 -3.91 -31.25
N LEU B 267 24.00 -5.02 -31.15
CA LEU B 267 23.12 -5.49 -32.20
C LEU B 267 21.68 -5.49 -31.69
N VAL B 268 20.77 -4.95 -32.49
CA VAL B 268 19.33 -4.94 -32.19
C VAL B 268 18.60 -5.51 -33.40
N LEU B 269 17.90 -6.62 -33.21
CA LEU B 269 17.12 -7.24 -34.26
C LEU B 269 15.64 -7.24 -33.89
N ASN B 270 14.80 -6.78 -34.81
CA ASN B 270 13.33 -6.87 -34.68
C ASN B 270 12.91 -8.26 -35.13
N VAL B 271 13.12 -9.24 -34.25
CA VAL B 271 13.00 -10.61 -34.71
C VAL B 271 11.57 -11.01 -35.08
N SER B 272 10.54 -10.34 -34.54
CA SER B 272 9.18 -10.75 -34.91
C SER B 272 8.84 -10.39 -36.35
N LYS B 273 9.64 -9.57 -37.02
CA LYS B 273 9.44 -9.24 -38.43
C LYS B 273 10.34 -10.03 -39.35
N MET B 274 11.21 -10.87 -38.81
CA MET B 274 12.25 -11.52 -39.57
C MET B 274 11.98 -13.02 -39.70
N LEU B 275 12.32 -13.57 -40.86
CA LEU B 275 12.38 -15.02 -41.00
C LEU B 275 13.59 -15.55 -40.24
N ARG B 276 13.43 -16.75 -39.66
CA ARG B 276 14.50 -17.29 -38.82
C ARG B 276 15.83 -17.41 -39.56
N ALA B 277 15.82 -17.72 -40.87
CA ALA B 277 17.11 -17.82 -41.57
C ALA B 277 17.82 -16.47 -41.64
N ASP B 278 17.05 -15.38 -41.69
CA ASP B 278 17.65 -14.05 -41.63
C ASP B 278 18.15 -13.72 -40.23
N ILE B 279 17.41 -14.11 -39.20
CA ILE B 279 17.87 -13.92 -37.83
C ILE B 279 19.21 -14.62 -37.63
N ARG B 280 19.29 -15.89 -38.06
CA ARG B 280 20.52 -16.65 -37.90
C ARG B 280 21.69 -16.00 -38.63
N LYS B 281 21.46 -15.52 -39.85
CA LYS B 281 22.56 -14.92 -40.61
C LYS B 281 23.08 -13.65 -39.93
N GLU B 282 22.18 -12.81 -39.42
CA GLU B 282 22.59 -11.59 -38.72
C GLU B 282 23.30 -11.91 -37.41
N LEU B 283 22.76 -12.85 -36.63
CA LEU B 283 23.39 -13.20 -35.36
C LEU B 283 24.79 -13.76 -35.58
N GLU B 284 24.95 -14.59 -36.61
CA GLU B 284 26.24 -15.22 -36.87
C GLU B 284 27.26 -14.22 -37.42
N LYS B 285 26.83 -13.33 -38.32
CA LYS B 285 27.73 -12.27 -38.74
C LYS B 285 28.16 -11.43 -37.54
N TYR B 286 27.22 -11.14 -36.63
CA TYR B 286 27.56 -10.32 -35.48
C TYR B 286 28.48 -11.08 -34.51
N ALA B 287 28.17 -12.36 -34.27
CA ALA B 287 29.01 -13.12 -33.35
C ALA B 287 30.43 -13.25 -33.89
N ARG B 288 30.57 -13.36 -35.21
CA ARG B 288 31.88 -13.36 -35.84
C ARG B 288 32.64 -12.09 -35.52
N ASP B 289 32.04 -10.92 -35.81
CA ASP B 289 32.68 -9.64 -35.48
C ASP B 289 33.01 -9.56 -34.01
N MET B 290 32.06 -9.99 -33.18
CA MET B 290 32.27 -10.10 -31.75
C MET B 290 33.56 -10.84 -31.42
N ARG B 291 33.82 -11.95 -32.11
CA ARG B 291 34.97 -12.77 -31.77
C ARG B 291 36.25 -12.27 -32.43
N MET B 292 36.20 -11.86 -33.70
CA MET B 292 37.40 -11.59 -34.47
C MET B 292 37.58 -10.11 -34.81
N LYS B 293 36.86 -9.23 -34.13
CA LYS B 293 37.11 -7.80 -34.24
C LYS B 293 37.06 -7.20 -32.83
N ILE B 294 37.48 -5.94 -32.76
CA ILE B 294 37.30 -5.15 -31.57
C ILE B 294 36.24 -4.14 -31.95
N LEU B 295 34.98 -4.51 -31.78
CA LEU B 295 33.90 -3.59 -32.05
C LEU B 295 33.98 -2.43 -31.08
N LYS B 296 33.70 -1.24 -31.58
CA LYS B 296 33.58 -0.07 -30.73
C LYS B 296 32.12 0.11 -30.31
N PRO B 297 31.88 0.55 -29.07
CA PRO B 297 30.50 0.64 -28.57
C PRO B 297 29.56 1.40 -29.50
N ALA B 298 28.43 0.75 -29.83
CA ALA B 298 27.42 1.38 -30.66
C ALA B 298 26.78 2.57 -29.97
N SER B 299 26.57 2.48 -28.65
CA SER B 299 25.86 3.51 -27.91
C SER B 299 26.68 4.79 -27.76
N ALA B 300 27.94 4.81 -28.19
CA ALA B 300 28.68 6.05 -28.35
C ALA B 300 28.55 6.61 -29.76
N HIS B 301 28.63 5.75 -30.76
CA HIS B 301 28.53 6.16 -32.16
C HIS B 301 27.13 5.92 -32.73
N SER C 48 24.45 -2.83 17.78
CA SER C 48 24.12 -2.05 16.60
C SER C 48 22.66 -2.26 16.24
N ALA C 49 21.84 -1.22 16.43
CA ALA C 49 20.44 -1.32 16.06
C ALA C 49 20.27 -1.49 14.56
N GLN C 50 21.14 -0.85 13.77
CA GLN C 50 21.04 -0.95 12.32
C GLN C 50 21.16 -2.39 11.86
N GLN C 51 22.11 -3.13 12.43
CA GLN C 51 22.31 -4.51 12.05
C GLN C 51 21.10 -5.38 12.42
N GLU C 52 20.48 -5.10 13.56
CA GLU C 52 19.33 -5.91 13.98
C GLU C 52 18.15 -5.68 13.07
N LEU C 53 17.86 -4.42 12.73
CA LEU C 53 16.79 -4.12 11.80
C LEU C 53 17.03 -4.76 10.44
N LYS C 54 18.30 -4.78 9.99
CA LYS C 54 18.63 -5.44 8.73
C LYS C 54 18.28 -6.92 8.78
N GLN C 55 18.65 -7.59 9.87
CA GLN C 55 18.37 -9.01 10.00
C GLN C 55 16.87 -9.27 10.06
N ARG C 56 16.15 -8.44 10.80
CA ARG C 56 14.70 -8.59 10.87
C ARG C 56 14.07 -8.39 9.50
N GLN C 57 14.47 -7.32 8.78
CA GLN C 57 13.94 -7.08 7.46
C GLN C 57 14.22 -8.25 6.53
N ARG C 58 15.46 -8.77 6.58
CA ARG C 58 15.83 -9.89 5.72
C ARG C 58 14.97 -11.11 6.01
N ALA C 59 14.70 -11.38 7.29
CA ALA C 59 13.84 -12.50 7.65
C ALA C 59 12.43 -12.32 7.10
N GLU C 60 11.90 -11.09 7.12
CA GLU C 60 10.56 -10.89 6.60
C GLU C 60 10.55 -10.89 5.08
N ILE C 61 11.59 -10.33 4.46
CA ILE C 61 11.68 -10.37 3.00
C ILE C 61 11.61 -11.81 2.51
N TYR C 62 12.36 -12.70 3.16
CA TYR C 62 12.38 -14.09 2.70
C TYR C 62 11.06 -14.80 2.99
N ALA C 63 10.45 -14.56 4.16
CA ALA C 63 9.11 -15.10 4.38
C ALA C 63 8.14 -14.59 3.31
N LEU C 64 8.16 -13.29 3.04
CA LEU C 64 7.29 -12.74 2.00
C LEU C 64 7.62 -13.31 0.63
N ASN C 65 8.91 -13.47 0.31
CA ASN C 65 9.24 -13.92 -1.03
C ASN C 65 8.72 -15.32 -1.25
N ARG C 66 8.84 -16.18 -0.23
CA ARG C 66 8.26 -17.51 -0.31
C ARG C 66 6.77 -17.47 -0.63
N VAL C 67 6.03 -16.59 0.07
CA VAL C 67 4.58 -16.52 -0.12
C VAL C 67 4.25 -16.05 -1.52
N MET C 68 4.93 -15.00 -1.99
CA MET C 68 4.66 -14.49 -3.32
C MET C 68 5.12 -15.46 -4.42
N THR C 69 6.13 -16.29 -4.16
CA THR C 69 6.50 -17.23 -5.21
C THR C 69 5.51 -18.40 -5.26
N GLU C 70 4.99 -18.84 -4.09
CA GLU C 70 3.89 -19.80 -4.11
C GLU C 70 2.65 -19.25 -4.82
N LEU C 71 2.34 -17.96 -4.59
CA LEU C 71 1.20 -17.35 -5.27
C LEU C 71 1.37 -17.35 -6.77
N GLU C 72 2.56 -16.95 -7.23
CA GLU C 72 2.87 -17.01 -8.66
C GLU C 72 2.68 -18.41 -9.21
N GLN C 73 3.20 -19.43 -8.51
CA GLN C 73 3.05 -20.80 -9.01
C GLN C 73 1.59 -21.21 -9.06
N GLN C 74 0.80 -20.84 -8.05
CA GLN C 74 -0.62 -21.15 -8.07
C GLN C 74 -1.32 -20.42 -9.21
N GLN C 75 -1.04 -19.12 -9.39
CA GLN C 75 -1.72 -18.36 -10.43
C GLN C 75 -1.38 -18.89 -11.82
N PHE C 76 -0.11 -19.25 -12.06
CA PHE C 76 0.25 -19.77 -13.37
C PHE C 76 -0.43 -21.10 -13.65
N ASP C 77 -0.47 -21.97 -12.64
CA ASP C 77 -1.13 -23.27 -12.80
C ASP C 77 -2.62 -23.10 -13.06
N GLU C 78 -3.25 -22.10 -12.45
CA GLU C 78 -4.65 -21.79 -12.76
C GLU C 78 -4.79 -21.29 -14.19
N PHE C 79 -3.80 -20.54 -14.67
CA PHE C 79 -3.83 -20.04 -16.05
C PHE C 79 -3.81 -21.18 -17.05
N CYS C 80 -2.88 -22.12 -16.89
CA CYS C 80 -2.77 -23.24 -17.84
C CYS C 80 -4.05 -24.04 -17.91
N LYS C 81 -4.67 -24.31 -16.75
CA LYS C 81 -5.91 -25.09 -16.73
C LYS C 81 -6.99 -24.41 -17.58
N GLN C 82 -7.10 -23.09 -17.49
CA GLN C 82 -8.03 -22.37 -18.32
C GLN C 82 -7.38 -21.91 -19.63
N GLN D 50 7.44 12.81 22.20
CA GLN D 50 8.00 14.15 22.14
C GLN D 50 7.00 15.17 21.61
N GLN D 51 6.87 16.29 22.33
CA GLN D 51 5.87 17.29 21.99
C GLN D 51 6.14 17.93 20.63
N GLU D 52 7.41 18.19 20.32
CA GLU D 52 7.74 18.82 19.05
C GLU D 52 7.35 17.95 17.86
N LEU D 53 7.49 16.63 18.00
CA LEU D 53 7.06 15.74 16.94
C LEU D 53 5.54 15.75 16.79
N LYS D 54 4.83 15.73 17.93
CA LYS D 54 3.37 15.84 17.88
C LYS D 54 2.93 17.10 17.16
N GLN D 55 3.58 18.22 17.46
CA GLN D 55 3.19 19.47 16.83
C GLN D 55 3.49 19.46 15.34
N ARG D 56 4.66 18.95 14.97
CA ARG D 56 4.99 18.82 13.56
C ARG D 56 3.97 17.96 12.85
N GLN D 57 3.65 16.78 13.42
CA GLN D 57 2.66 15.91 12.80
C GLN D 57 1.31 16.60 12.70
N ARG D 58 0.93 17.38 13.71
CA ARG D 58 -0.39 18.03 13.68
C ARG D 58 -0.46 19.05 12.54
N ALA D 59 0.62 19.82 12.36
CA ALA D 59 0.68 20.79 11.28
C ALA D 59 0.57 20.13 9.92
N GLU D 60 1.25 18.99 9.73
CA GLU D 60 1.16 18.30 8.44
C GLU D 60 -0.21 17.64 8.27
N ILE D 61 -0.78 17.11 9.34
CA ILE D 61 -2.12 16.53 9.25
C ILE D 61 -3.12 17.57 8.74
N TYR D 62 -3.04 18.81 9.25
CA TYR D 62 -4.04 19.80 8.89
C TYR D 62 -3.81 20.38 7.50
N ALA D 63 -2.55 20.51 7.06
CA ALA D 63 -2.29 20.82 5.66
C ALA D 63 -2.84 19.72 4.76
N LEU D 64 -2.58 18.47 5.11
CA LEU D 64 -3.06 17.35 4.32
C LEU D 64 -4.59 17.29 4.31
N ASN D 65 -5.22 17.48 5.46
CA ASN D 65 -6.68 17.43 5.51
C ASN D 65 -7.29 18.51 4.64
N ARG D 66 -6.71 19.71 4.64
CA ARG D 66 -7.23 20.77 3.78
C ARG D 66 -7.17 20.37 2.31
N VAL D 67 -6.03 19.79 1.90
CA VAL D 67 -5.85 19.35 0.51
C VAL D 67 -6.85 18.25 0.16
N MET D 68 -7.02 17.28 1.05
CA MET D 68 -7.95 16.19 0.75
C MET D 68 -9.40 16.67 0.78
N THR D 69 -9.70 17.68 1.60
CA THR D 69 -11.04 18.24 1.62
C THR D 69 -11.36 18.93 0.30
N GLU D 70 -10.41 19.72 -0.22
CA GLU D 70 -10.61 20.38 -1.51
C GLU D 70 -10.77 19.36 -2.62
N LEU D 71 -10.02 18.26 -2.53
CA LEU D 71 -10.13 17.22 -3.54
C LEU D 71 -11.52 16.61 -3.51
N GLU D 72 -12.02 16.31 -2.32
CA GLU D 72 -13.33 15.68 -2.22
C GLU D 72 -14.43 16.63 -2.73
N GLN D 73 -14.31 17.93 -2.45
CA GLN D 73 -15.25 18.89 -2.99
C GLN D 73 -15.20 18.94 -4.52
N GLN D 74 -14.00 18.97 -5.10
CA GLN D 74 -13.85 18.99 -6.55
C GLN D 74 -14.45 17.74 -7.18
N GLN D 75 -14.16 16.57 -6.61
CA GLN D 75 -14.68 15.33 -7.17
C GLN D 75 -16.20 15.27 -7.05
N PHE D 76 -16.75 15.77 -5.95
CA PHE D 76 -18.19 15.83 -5.80
C PHE D 76 -18.82 16.66 -6.92
N ASP D 77 -18.26 17.84 -7.17
CA ASP D 77 -18.78 18.71 -8.22
C ASP D 77 -18.67 18.05 -9.59
N GLU D 78 -17.53 17.41 -9.89
CA GLU D 78 -17.37 16.76 -11.19
C GLU D 78 -18.36 15.61 -11.38
N PHE D 79 -18.70 14.89 -10.29
CA PHE D 79 -19.68 13.82 -10.40
C PHE D 79 -21.07 14.38 -10.65
N CYS D 80 -21.40 15.53 -10.06
CA CYS D 80 -22.67 16.18 -10.35
C CYS D 80 -22.76 16.62 -11.81
N LYS D 81 -21.64 17.05 -12.37
CA LYS D 81 -21.64 17.46 -13.78
C LYS D 81 -21.87 16.28 -14.72
N GLN D 82 -21.43 15.08 -14.34
CA GLN D 82 -21.66 13.90 -15.16
C GLN D 82 -23.04 13.29 -14.91
C1 GOL E . -26.79 22.79 15.56
O1 GOL E . -25.44 22.98 15.19
C2 GOL E . -26.82 21.64 16.60
O2 GOL E . -26.23 22.00 17.79
C3 GOL E . -28.30 21.30 16.78
O3 GOL E . -28.37 20.21 17.64
C1 GOL F . -19.49 19.78 6.36
O1 GOL F . -19.56 19.21 5.10
C2 GOL F . -18.67 18.82 7.21
O2 GOL F . -17.61 18.27 6.51
C3 GOL F . -18.20 19.62 8.46
O3 GOL F . -19.01 20.76 8.60
C1 GOL G . -4.36 6.50 19.05
O1 GOL G . -3.76 5.28 18.72
C2 GOL G . -5.61 6.23 19.97
O2 GOL G . -6.53 5.40 19.35
C3 GOL G . -5.06 5.63 21.29
O3 GOL G . -4.33 6.61 21.95
C1 GOL H . 6.77 13.73 7.84
O1 GOL H . 6.71 14.62 6.79
C2 GOL H . 7.97 14.12 8.74
O2 GOL H . 7.56 14.56 10.01
C3 GOL H . 8.79 12.84 8.81
O3 GOL H . 7.89 11.80 9.07
C1 GOL I . 24.41 -23.72 -17.20
O1 GOL I . 23.05 -23.92 -16.90
C2 GOL I . 24.98 -22.68 -16.23
O2 GOL I . 25.65 -23.31 -15.19
C3 GOL I . 25.86 -21.68 -17.06
O3 GOL I . 26.22 -22.26 -18.30
C1 GOL J . 13.02 -20.60 -11.72
O1 GOL J . 11.65 -20.88 -11.81
C2 GOL J . 13.22 -19.84 -10.38
O2 GOL J . 12.57 -18.63 -10.37
C3 GOL J . 14.76 -19.69 -10.23
O3 GOL J . 15.30 -20.97 -10.33
C1 GOL K . 19.82 0.07 -2.22
O1 GOL K . 19.00 1.22 -2.37
C2 GOL K . 21.01 0.14 -3.23
O2 GOL K . 20.58 0.32 -4.55
C3 GOL K . 21.91 1.29 -2.75
O3 GOL K . 22.47 0.90 -1.53
C1 GOL L . 7.48 -5.37 10.42
O1 GOL L . 7.41 -5.22 9.03
C2 GOL L . 8.45 -4.27 10.98
O2 GOL L . 8.26 -3.02 10.37
C3 GOL L . 9.87 -4.84 10.81
O3 GOL L . 10.74 -3.76 10.74
#